data_8SUC
#
_entry.id   8SUC
#
_cell.length_a   82.666
_cell.length_b   82.666
_cell.length_c   110.048
_cell.angle_alpha   90.000
_cell.angle_beta   90.000
_cell.angle_gamma   90.000
#
_symmetry.space_group_name_H-M   'P 41 21 2'
#
loop_
_entity.id
_entity.type
_entity.pdbx_description
1 polymer 'NHL (Ring finger b-box coiled coil) domain containing protein'
2 non-polymer 'MAGNESIUM ION'
3 water water
#
_entity_poly.entity_id   1
_entity_poly.type   'polypeptide(L)'
_entity_poly.pdbx_seq_one_letter_code
;GPRVSDLKVHSVFGTSQQGSTIRELHCPSGFCLSDTDDILIADTNNHRVVVCGPPHPWKIGRPGTDDGQLCFPRKVIALR
GEAVRYVVLDKGGDGKTRAQIFEARGEFVKRLNMMALVPRGGIEVSAAAATPNGQLLLVDTAGFVYSIDVDAPRVTFWFD
ASTQLGEASDVAMFDNLIYITDFKHHCVQVYTSEGKFIRKMGEPSQTPYPIGIDVSKAGEVLVADTHGNHLHVVVFSPEG
QHIHSFTHNEFRLSRCVGLRIAKSGHIVTLCKHNHTLFVFKPL
;
_entity_poly.pdbx_strand_id   A
#
# COMPACT_ATOMS: atom_id res chain seq x y z
N PRO A 2 17.08 10.91 26.97
CA PRO A 2 17.42 9.60 26.40
C PRO A 2 17.49 9.64 24.88
N ARG A 3 18.45 8.91 24.32
CA ARG A 3 18.67 8.91 22.89
C ARG A 3 17.60 8.12 22.16
N VAL A 4 17.32 8.52 20.92
CA VAL A 4 16.37 7.84 20.05
C VAL A 4 17.14 7.31 18.84
N SER A 5 16.89 6.05 18.51
CA SER A 5 17.66 5.36 17.47
C SER A 5 17.20 5.78 16.07
N ASP A 6 18.12 5.64 15.12
CA ASP A 6 17.78 5.72 13.72
C ASP A 6 17.01 4.45 13.30
N LEU A 7 16.48 4.48 12.09
CA LEU A 7 15.95 3.27 11.48
C LEU A 7 17.08 2.27 11.22
N LYS A 8 16.79 0.98 11.45
CA LYS A 8 17.78 -0.07 11.25
C LYS A 8 17.14 -1.24 10.52
N VAL A 9 17.79 -1.73 9.45
CA VAL A 9 17.24 -2.87 8.72
C VAL A 9 17.21 -4.11 9.61
N HIS A 10 16.11 -4.85 9.51
CA HIS A 10 15.88 -6.10 10.20
C HIS A 10 15.93 -7.29 9.27
N SER A 11 15.24 -7.21 8.13
CA SER A 11 15.17 -8.32 7.20
C SER A 11 14.73 -7.78 5.84
N VAL A 12 14.93 -8.59 4.80
CA VAL A 12 14.67 -8.17 3.43
C VAL A 12 14.02 -9.31 2.64
N PHE A 13 13.35 -8.94 1.56
CA PHE A 13 13.06 -9.88 0.49
C PHE A 13 13.54 -9.28 -0.82
N GLY A 14 14.42 -9.97 -1.50
CA GLY A 14 15.05 -9.47 -2.72
C GLY A 14 16.55 -9.39 -2.53
N THR A 15 17.23 -9.13 -3.65
CA THR A 15 18.70 -9.20 -3.69
C THR A 15 19.35 -7.88 -4.04
N SER A 16 18.58 -6.78 -4.04
CA SER A 16 19.01 -5.45 -4.46
CA SER A 16 19.02 -5.45 -4.47
C SER A 16 19.27 -5.35 -5.96
N GLN A 17 18.84 -6.35 -6.75
CA GLN A 17 18.89 -6.26 -8.20
C GLN A 17 17.69 -7.00 -8.76
N GLN A 18 17.31 -6.67 -9.98
CA GLN A 18 16.13 -7.29 -10.56
C GLN A 18 16.41 -8.74 -10.92
N GLY A 19 15.39 -9.57 -10.80
CA GLY A 19 15.51 -10.95 -11.22
C GLY A 19 14.16 -11.61 -11.32
N SER A 20 14.15 -12.82 -11.86
CA SER A 20 12.93 -13.60 -12.08
C SER A 20 12.86 -14.83 -11.18
N THR A 21 13.86 -15.05 -10.35
CA THR A 21 13.91 -16.22 -9.49
C THR A 21 12.98 -16.03 -8.30
N ILE A 22 12.81 -17.10 -7.52
CA ILE A 22 11.88 -17.09 -6.39
C ILE A 22 12.39 -16.28 -5.21
N ARG A 23 13.64 -15.82 -5.25
CA ARG A 23 14.20 -14.97 -4.21
C ARG A 23 14.31 -13.51 -4.63
N GLU A 24 13.76 -13.15 -5.79
CA GLU A 24 13.97 -11.83 -6.36
C GLU A 24 12.66 -11.19 -6.81
N LEU A 25 12.75 -9.90 -7.09
CA LEU A 25 11.64 -9.11 -7.60
C LEU A 25 12.11 -8.36 -8.84
N HIS A 26 11.16 -7.82 -9.59
CA HIS A 26 11.50 -7.03 -10.77
C HIS A 26 10.48 -5.91 -10.90
N CYS A 27 10.91 -4.69 -10.59
CA CYS A 27 10.05 -3.51 -10.59
C CYS A 27 8.79 -3.72 -9.75
N PRO A 28 8.91 -4.24 -8.53
CA PRO A 28 7.71 -4.48 -7.72
C PRO A 28 7.03 -3.16 -7.35
N SER A 29 5.70 -3.20 -7.29
CA SER A 29 4.92 -1.95 -7.20
C SER A 29 4.02 -1.81 -5.99
N GLY A 30 3.85 -2.86 -5.19
CA GLY A 30 2.98 -2.80 -4.02
C GLY A 30 3.21 -4.02 -3.16
N PHE A 31 2.69 -3.95 -1.93
CA PHE A 31 2.79 -5.06 -1.00
C PHE A 31 1.69 -4.96 0.04
N CYS A 32 1.50 -6.05 0.78
CA CYS A 32 0.58 -6.05 1.92
CA CYS A 32 0.60 -6.04 1.92
C CYS A 32 1.09 -7.02 2.98
N LEU A 33 0.63 -6.80 4.21
CA LEU A 33 0.85 -7.72 5.32
C LEU A 33 -0.30 -8.72 5.36
N SER A 34 -0.07 -9.86 6.00
CA SER A 34 -1.09 -10.88 6.17
C SER A 34 -1.44 -11.01 7.65
N ASP A 35 -2.20 -12.05 7.98
CA ASP A 35 -2.51 -12.37 9.37
C ASP A 35 -1.38 -13.09 10.08
N THR A 36 -0.36 -13.54 9.36
CA THR A 36 0.85 -14.11 9.93
C THR A 36 2.01 -13.17 9.63
N ASP A 37 3.24 -13.69 9.69
CA ASP A 37 4.40 -12.93 9.27
C ASP A 37 4.57 -12.86 7.75
N ASP A 38 3.72 -13.55 7.00
CA ASP A 38 3.83 -13.51 5.54
C ASP A 38 3.52 -12.12 4.99
N ILE A 39 4.24 -11.75 3.95
CA ILE A 39 4.08 -10.49 3.26
C ILE A 39 3.93 -10.81 1.77
N LEU A 40 2.95 -10.20 1.12
CA LEU A 40 2.69 -10.44 -0.29
C LEU A 40 3.15 -9.24 -1.09
N ILE A 41 3.75 -9.48 -2.25
CA ILE A 41 4.36 -8.43 -3.05
C ILE A 41 3.83 -8.52 -4.47
N ALA A 42 3.32 -7.40 -4.99
CA ALA A 42 2.89 -7.30 -6.38
C ALA A 42 4.14 -7.14 -7.23
N ASP A 43 4.64 -8.24 -7.77
CA ASP A 43 5.96 -8.30 -8.41
C ASP A 43 5.78 -8.07 -9.90
N THR A 44 5.63 -6.79 -10.23
CA THR A 44 5.03 -6.34 -11.48
C THR A 44 5.65 -6.99 -12.71
N ASN A 45 6.97 -6.87 -12.88
CA ASN A 45 7.56 -7.33 -14.13
C ASN A 45 7.85 -8.83 -14.14
N ASN A 46 7.50 -9.54 -13.08
CA ASN A 46 7.41 -11.00 -13.12
C ASN A 46 5.99 -11.51 -13.21
N HIS A 47 5.01 -10.61 -13.33
CA HIS A 47 3.62 -11.00 -13.61
C HIS A 47 3.12 -12.01 -12.60
N ARG A 48 3.39 -11.72 -11.32
CA ARG A 48 3.06 -12.63 -10.24
C ARG A 48 2.96 -11.84 -8.95
N VAL A 49 2.34 -12.46 -7.94
CA VAL A 49 2.44 -12.01 -6.55
C VAL A 49 3.34 -12.99 -5.82
N VAL A 50 4.36 -12.48 -5.13
CA VAL A 50 5.25 -13.33 -4.34
C VAL A 50 4.77 -13.31 -2.90
N VAL A 51 4.71 -14.50 -2.28
CA VAL A 51 4.41 -14.63 -0.86
C VAL A 51 5.72 -14.97 -0.17
N CYS A 52 6.22 -14.05 0.67
CA CYS A 52 7.44 -14.29 1.41
C CYS A 52 7.11 -14.38 2.90
N GLY A 53 8.01 -14.98 3.66
CA GLY A 53 7.71 -15.34 5.03
C GLY A 53 8.04 -16.80 5.36
N PRO A 54 7.55 -17.74 4.55
CA PRO A 54 7.98 -19.13 4.72
C PRO A 54 9.43 -19.29 4.30
N PRO A 55 10.12 -20.33 4.79
CA PRO A 55 11.50 -20.54 4.33
C PRO A 55 11.62 -20.54 2.81
N HIS A 56 10.70 -21.21 2.11
CA HIS A 56 10.69 -21.13 0.66
C HIS A 56 9.52 -20.25 0.23
N PRO A 57 9.78 -19.12 -0.43
CA PRO A 57 8.66 -18.29 -0.91
C PRO A 57 7.81 -19.04 -1.91
N TRP A 58 6.60 -18.53 -2.14
CA TRP A 58 5.76 -19.13 -3.16
C TRP A 58 5.07 -18.01 -3.93
N LYS A 59 4.38 -18.37 -4.99
CA LYS A 59 3.81 -17.34 -5.84
C LYS A 59 2.34 -17.60 -6.16
N ILE A 60 1.64 -16.50 -6.43
CA ILE A 60 0.24 -16.52 -6.82
C ILE A 60 0.16 -16.07 -8.28
N GLY A 61 -0.61 -16.80 -9.07
CA GLY A 61 -0.85 -16.44 -10.45
C GLY A 61 0.20 -16.99 -11.38
N ARG A 62 -0.22 -17.22 -12.63
CA ARG A 62 0.61 -17.46 -13.81
C ARG A 62 0.49 -16.24 -14.72
N PRO A 63 1.50 -15.94 -15.54
CA PRO A 63 1.41 -14.73 -16.37
C PRO A 63 0.32 -14.83 -17.43
N GLY A 64 -0.41 -13.73 -17.61
CA GLY A 64 -1.40 -13.65 -18.66
C GLY A 64 -2.59 -12.80 -18.25
N THR A 65 -3.57 -12.76 -19.16
CA THR A 65 -4.75 -11.91 -18.98
C THR A 65 -6.06 -12.68 -18.97
N ASP A 66 -6.02 -14.01 -18.84
CA ASP A 66 -7.23 -14.77 -18.55
C ASP A 66 -7.49 -14.78 -17.05
N ASP A 67 -8.67 -15.27 -16.66
CA ASP A 67 -9.01 -15.39 -15.24
C ASP A 67 -7.93 -16.20 -14.50
N GLY A 68 -7.50 -15.67 -13.36
CA GLY A 68 -6.52 -16.35 -12.53
C GLY A 68 -5.09 -16.09 -12.93
N GLN A 69 -4.85 -15.43 -14.05
CA GLN A 69 -3.52 -15.04 -14.47
C GLN A 69 -3.29 -13.58 -14.10
N LEU A 70 -2.02 -13.19 -14.05
CA LEU A 70 -1.65 -11.83 -13.68
C LEU A 70 -0.77 -11.22 -14.77
N CYS A 71 -0.92 -9.91 -14.94
CA CYS A 71 -0.20 -9.19 -15.98
C CYS A 71 0.12 -7.80 -15.43
N PHE A 72 1.40 -7.50 -15.21
CA PHE A 72 1.82 -6.26 -14.58
C PHE A 72 1.03 -5.96 -13.31
N PRO A 73 0.99 -6.89 -12.35
CA PRO A 73 0.28 -6.59 -11.09
C PRO A 73 0.94 -5.46 -10.35
N ARG A 74 0.12 -4.55 -9.85
CA ARG A 74 0.60 -3.33 -9.22
C ARG A 74 0.30 -3.23 -7.74
N LYS A 75 -0.81 -3.79 -7.28
CA LYS A 75 -1.20 -3.68 -5.88
C LYS A 75 -1.79 -5.01 -5.42
N VAL A 76 -1.54 -5.32 -4.15
CA VAL A 76 -2.11 -6.50 -3.52
C VAL A 76 -2.57 -6.09 -2.12
N ILE A 77 -3.79 -6.49 -1.78
CA ILE A 77 -4.46 -6.06 -0.55
C ILE A 77 -4.99 -7.30 0.14
N ALA A 78 -4.72 -7.42 1.44
CA ALA A 78 -5.23 -8.52 2.24
C ALA A 78 -6.50 -8.07 2.96
N LEU A 79 -7.60 -8.77 2.68
CA LEU A 79 -8.88 -8.48 3.31
C LEU A 79 -9.07 -9.42 4.50
N ARG A 80 -9.27 -8.85 5.68
CA ARG A 80 -9.48 -9.64 6.88
C ARG A 80 -10.95 -10.01 7.02
N GLY A 81 -11.20 -11.28 7.36
CA GLY A 81 -12.54 -11.79 7.52
C GLY A 81 -12.56 -13.18 8.09
N GLU A 82 -13.56 -13.99 7.73
CA GLU A 82 -13.60 -15.38 8.15
C GLU A 82 -12.28 -16.08 7.82
N ALA A 83 -11.84 -15.96 6.58
CA ALA A 83 -10.49 -16.32 6.18
C ALA A 83 -9.91 -15.16 5.39
N VAL A 84 -8.57 -15.10 5.36
CA VAL A 84 -7.92 -14.03 4.61
C VAL A 84 -8.09 -14.26 3.12
N ARG A 85 -8.37 -13.19 2.39
CA ARG A 85 -8.42 -13.21 0.94
C ARG A 85 -7.59 -12.06 0.42
N TYR A 86 -7.15 -12.19 -0.83
CA TYR A 86 -6.25 -11.21 -1.43
C TYR A 86 -6.87 -10.63 -2.68
N VAL A 87 -6.88 -9.30 -2.77
CA VAL A 87 -7.23 -8.59 -3.99
C VAL A 87 -5.94 -8.23 -4.71
N VAL A 88 -5.87 -8.54 -6.00
CA VAL A 88 -4.73 -8.14 -6.81
C VAL A 88 -5.25 -7.23 -7.91
N LEU A 89 -4.63 -6.06 -8.06
CA LEU A 89 -4.95 -5.12 -9.13
C LEU A 89 -3.85 -5.20 -10.18
N ASP A 90 -4.23 -5.42 -11.43
CA ASP A 90 -3.26 -5.61 -12.51
C ASP A 90 -3.83 -5.05 -13.80
N LYS A 91 -3.22 -5.44 -14.92
CA LYS A 91 -3.65 -5.02 -16.25
C LYS A 91 -4.45 -6.15 -16.89
N GLY A 92 -5.70 -5.87 -17.29
CA GLY A 92 -6.48 -6.84 -18.02
C GLY A 92 -6.15 -6.86 -19.51
N GLY A 93 -6.83 -7.75 -20.23
CA GLY A 93 -6.54 -7.92 -21.64
C GLY A 93 -6.90 -6.72 -22.49
N ASP A 94 -7.74 -5.82 -21.97
CA ASP A 94 -8.07 -4.58 -22.63
C ASP A 94 -7.11 -3.45 -22.25
N GLY A 95 -6.08 -3.75 -21.46
CA GLY A 95 -5.12 -2.77 -21.04
C GLY A 95 -5.57 -1.91 -19.89
N LYS A 96 -6.74 -2.18 -19.31
CA LYS A 96 -7.31 -1.39 -18.23
C LYS A 96 -7.20 -2.13 -16.90
N THR A 97 -7.44 -1.39 -15.82
CA THR A 97 -7.38 -1.96 -14.48
C THR A 97 -8.28 -3.18 -14.36
N ARG A 98 -7.74 -4.24 -13.75
CA ARG A 98 -8.48 -5.44 -13.45
C ARG A 98 -8.26 -5.80 -11.99
N ALA A 99 -9.33 -6.23 -11.32
CA ALA A 99 -9.27 -6.66 -9.93
C ALA A 99 -9.69 -8.12 -9.83
N GLN A 100 -8.87 -8.93 -9.17
CA GLN A 100 -9.18 -10.34 -8.96
C GLN A 100 -8.99 -10.73 -7.51
N ILE A 101 -9.74 -11.74 -7.08
CA ILE A 101 -9.73 -12.20 -5.70
C ILE A 101 -9.11 -13.59 -5.68
N PHE A 102 -8.15 -13.80 -4.77
CA PHE A 102 -7.53 -15.10 -4.54
C PHE A 102 -7.70 -15.49 -3.08
N GLU A 103 -7.74 -16.79 -2.82
CA GLU A 103 -7.90 -17.25 -1.45
C GLU A 103 -6.53 -17.40 -0.75
N ALA A 104 -6.58 -17.81 0.51
CA ALA A 104 -5.40 -17.70 1.39
C ALA A 104 -4.21 -18.51 0.89
N ARG A 105 -4.46 -19.64 0.23
CA ARG A 105 -3.40 -20.46 -0.34
C ARG A 105 -3.23 -20.28 -1.85
N GLY A 106 -3.75 -19.18 -2.40
CA GLY A 106 -3.40 -18.75 -3.74
C GLY A 106 -4.38 -19.09 -4.83
N GLU A 107 -5.43 -19.87 -4.55
CA GLU A 107 -6.35 -20.25 -5.61
C GLU A 107 -7.24 -19.09 -6.04
N PHE A 108 -7.44 -18.97 -7.35
CA PHE A 108 -8.32 -17.95 -7.89
C PHE A 108 -9.75 -18.17 -7.41
N VAL A 109 -10.40 -17.08 -6.99
CA VAL A 109 -11.81 -17.10 -6.60
C VAL A 109 -12.68 -16.52 -7.70
N LYS A 110 -12.46 -15.25 -8.03
CA LYS A 110 -13.31 -14.59 -9.02
C LYS A 110 -12.64 -13.30 -9.45
N ARG A 111 -13.05 -12.83 -10.62
CA ARG A 111 -12.76 -11.47 -11.03
C ARG A 111 -13.82 -10.57 -10.43
N LEU A 112 -13.38 -9.42 -9.91
CA LEU A 112 -14.30 -8.43 -9.36
C LEU A 112 -14.85 -7.58 -10.50
N ASN A 113 -16.12 -7.79 -10.84
CA ASN A 113 -16.80 -7.07 -11.92
C ASN A 113 -17.80 -6.09 -11.32
N MET A 114 -17.58 -4.81 -11.58
CA MET A 114 -18.36 -3.73 -11.01
C MET A 114 -18.42 -2.56 -11.97
N MET A 115 -19.55 -1.86 -11.91
CA MET A 115 -19.75 -0.64 -12.68
C MET A 115 -18.64 0.37 -12.37
N ALA A 116 -18.23 0.44 -11.09
CA ALA A 116 -17.20 1.38 -10.67
C ALA A 116 -15.85 1.09 -11.32
N LEU A 117 -15.64 -0.13 -11.82
CA LEU A 117 -14.36 -0.46 -12.45
C LEU A 117 -14.37 -0.29 -13.96
N VAL A 118 -15.50 0.06 -14.56
CA VAL A 118 -15.55 0.35 -16.00
C VAL A 118 -16.16 1.73 -16.28
N PRO A 119 -15.74 2.78 -15.58
CA PRO A 119 -16.30 4.11 -15.88
C PRO A 119 -15.78 4.60 -17.22
N ARG A 120 -16.60 5.45 -17.87
CA ARG A 120 -16.15 6.14 -19.07
C ARG A 120 -14.81 6.82 -18.89
N GLY A 121 -14.62 7.52 -17.78
CA GLY A 121 -13.35 8.19 -17.54
C GLY A 121 -12.19 7.27 -17.21
N GLY A 122 -12.41 5.96 -17.18
CA GLY A 122 -11.39 5.00 -16.78
C GLY A 122 -11.14 5.06 -15.29
N ILE A 123 -10.52 4.03 -14.75
CA ILE A 123 -10.07 4.08 -13.36
C ILE A 123 -8.61 3.67 -13.29
N GLU A 124 -7.78 4.60 -12.85
CA GLU A 124 -6.40 4.35 -12.50
C GLU A 124 -6.29 4.47 -11.00
N VAL A 125 -5.89 3.39 -10.34
CA VAL A 125 -5.83 3.35 -8.89
C VAL A 125 -4.47 3.88 -8.43
N SER A 126 -4.49 4.93 -7.60
CA SER A 126 -3.26 5.49 -7.07
CA SER A 126 -3.28 5.55 -7.04
C SER A 126 -2.93 5.01 -5.66
N ALA A 127 -3.88 4.46 -4.93
CA ALA A 127 -3.63 3.96 -3.59
C ALA A 127 -4.67 2.89 -3.27
N ALA A 128 -4.26 1.89 -2.48
CA ALA A 128 -5.19 0.84 -2.07
C ALA A 128 -4.78 0.32 -0.70
N ALA A 129 -5.79 -0.03 0.09
CA ALA A 129 -5.57 -0.60 1.42
C ALA A 129 -6.82 -1.39 1.80
N ALA A 130 -6.76 -2.02 2.96
CA ALA A 130 -7.91 -2.70 3.54
C ALA A 130 -8.50 -1.83 4.65
N THR A 131 -9.82 -1.80 4.73
CA THR A 131 -10.44 -1.10 5.85
C THR A 131 -10.46 -2.03 7.05
N PRO A 132 -10.60 -1.47 8.26
CA PRO A 132 -10.64 -2.33 9.44
C PRO A 132 -11.73 -3.41 9.38
N ASN A 133 -12.84 -3.15 8.69
CA ASN A 133 -13.96 -4.07 8.62
C ASN A 133 -13.92 -4.99 7.39
N GLY A 134 -12.77 -5.09 6.71
CA GLY A 134 -12.63 -6.06 5.65
C GLY A 134 -13.04 -5.62 4.27
N GLN A 135 -13.15 -4.32 4.03
CA GLN A 135 -13.46 -3.80 2.72
C GLN A 135 -12.20 -3.36 1.99
N LEU A 136 -12.30 -3.26 0.68
CA LEU A 136 -11.22 -2.78 -0.17
C LEU A 136 -11.34 -1.27 -0.30
N LEU A 137 -10.29 -0.55 0.09
CA LEU A 137 -10.27 0.92 0.05
C LEU A 137 -9.39 1.36 -1.10
N LEU A 138 -9.95 2.11 -2.04
CA LEU A 138 -9.24 2.56 -3.23
C LEU A 138 -9.27 4.07 -3.32
N VAL A 139 -8.18 4.66 -3.81
CA VAL A 139 -8.15 6.05 -4.25
C VAL A 139 -7.72 6.05 -5.71
N ASP A 140 -8.43 6.78 -6.55
CA ASP A 140 -8.07 6.86 -7.96
C ASP A 140 -7.44 8.20 -8.31
N THR A 141 -6.96 8.30 -9.56
CA THR A 141 -6.24 9.51 -9.97
C THR A 141 -7.16 10.71 -10.13
N ALA A 142 -8.49 10.51 -10.17
CA ALA A 142 -9.42 11.62 -10.16
C ALA A 142 -9.67 12.17 -8.76
N GLY A 143 -9.17 11.49 -7.74
CA GLY A 143 -9.43 11.89 -6.38
C GLY A 143 -10.62 11.22 -5.74
N PHE A 144 -11.22 10.23 -6.40
CA PHE A 144 -12.32 9.50 -5.79
C PHE A 144 -11.80 8.45 -4.83
N VAL A 145 -12.48 8.30 -3.70
CA VAL A 145 -12.15 7.34 -2.65
C VAL A 145 -13.33 6.39 -2.52
N TYR A 146 -13.06 5.09 -2.56
CA TYR A 146 -14.11 4.09 -2.56
C TYR A 146 -13.84 3.04 -1.48
N SER A 147 -14.89 2.61 -0.80
CA SER A 147 -14.85 1.44 0.06
C SER A 147 -15.76 0.39 -0.57
N ILE A 148 -15.20 -0.77 -0.86
CA ILE A 148 -15.85 -1.80 -1.68
C ILE A 148 -16.01 -3.09 -0.89
N ASP A 149 -17.23 -3.60 -0.84
CA ASP A 149 -17.53 -4.95 -0.37
C ASP A 149 -17.32 -5.84 -1.58
N VAL A 150 -16.27 -6.66 -1.56
CA VAL A 150 -15.94 -7.47 -2.73
C VAL A 150 -16.89 -8.63 -2.93
N ASP A 151 -17.71 -8.95 -1.94
CA ASP A 151 -18.55 -10.14 -2.04
C ASP A 151 -19.86 -9.87 -2.77
N ALA A 152 -20.48 -8.72 -2.53
CA ALA A 152 -21.76 -8.41 -3.15
C ALA A 152 -21.70 -8.49 -4.68
N PRO A 153 -20.84 -7.75 -5.37
CA PRO A 153 -19.92 -6.70 -4.90
C PRO A 153 -20.66 -5.37 -4.86
N ARG A 154 -20.19 -4.40 -4.08
CA ARG A 154 -20.89 -3.14 -3.95
C ARG A 154 -19.92 -2.09 -3.44
N VAL A 155 -20.08 -0.86 -3.93
CA VAL A 155 -19.43 0.30 -3.32
C VAL A 155 -20.27 0.67 -2.12
N THR A 156 -19.72 0.46 -0.91
CA THR A 156 -20.50 0.75 0.29
C THR A 156 -20.48 2.24 0.62
N PHE A 157 -19.36 2.92 0.38
CA PHE A 157 -19.32 4.36 0.41
C PHE A 157 -18.25 4.85 -0.55
N TRP A 158 -18.42 6.08 -1.02
CA TRP A 158 -17.38 6.73 -1.80
C TRP A 158 -17.52 8.24 -1.65
N PHE A 159 -16.42 8.95 -1.88
CA PHE A 159 -16.46 10.41 -1.86
C PHE A 159 -15.36 10.97 -2.77
N ASP A 160 -15.40 12.29 -2.94
CA ASP A 160 -14.50 13.01 -3.82
C ASP A 160 -13.53 13.81 -2.94
N ALA A 161 -12.25 13.45 -3.00
CA ALA A 161 -11.19 14.15 -2.26
C ALA A 161 -10.48 15.21 -3.09
N SER A 162 -10.92 15.44 -4.33
CA SER A 162 -10.13 16.25 -5.27
C SER A 162 -10.06 17.73 -4.94
N THR A 163 -10.92 18.26 -4.05
CA THR A 163 -10.76 19.67 -3.69
C THR A 163 -9.44 19.91 -2.98
N GLN A 164 -9.01 18.98 -2.13
CA GLN A 164 -7.77 19.11 -1.39
C GLN A 164 -6.65 18.27 -1.97
N LEU A 165 -6.96 17.07 -2.46
CA LEU A 165 -5.93 16.08 -2.77
C LEU A 165 -5.30 16.37 -4.13
N GLY A 166 -3.98 16.54 -4.15
CA GLY A 166 -3.26 16.73 -5.40
C GLY A 166 -2.97 15.43 -6.12
N GLU A 167 -2.25 14.52 -5.46
CA GLU A 167 -1.94 13.21 -6.04
C GLU A 167 -1.76 12.22 -4.89
N ALA A 168 -2.62 11.22 -4.82
CA ALA A 168 -2.48 10.21 -3.77
C ALA A 168 -1.31 9.29 -4.07
N SER A 169 -0.57 8.91 -3.03
CA SER A 169 0.46 7.88 -3.15
C SER A 169 0.22 6.66 -2.28
N ASP A 170 -0.62 6.76 -1.25
CA ASP A 170 -0.91 5.67 -0.33
C ASP A 170 -2.12 6.10 0.49
N VAL A 171 -2.71 5.13 1.19
CA VAL A 171 -3.91 5.38 1.98
C VAL A 171 -3.95 4.39 3.13
N ALA A 172 -4.55 4.82 4.23
CA ALA A 172 -4.80 3.98 5.38
C ALA A 172 -6.09 4.45 6.03
N MET A 173 -6.77 3.53 6.72
CA MET A 173 -7.98 3.87 7.44
C MET A 173 -7.85 3.39 8.88
N PHE A 174 -8.24 4.24 9.82
CA PHE A 174 -8.19 3.93 11.24
C PHE A 174 -9.43 4.55 11.88
N ASP A 175 -10.20 3.75 12.60
CA ASP A 175 -11.53 4.17 13.08
C ASP A 175 -12.36 4.58 11.86
N ASN A 176 -12.99 5.75 11.85
CA ASN A 176 -13.78 6.21 10.73
C ASN A 176 -13.02 7.20 9.86
N LEU A 177 -11.71 7.27 10.01
CA LEU A 177 -10.93 8.27 9.32
C LEU A 177 -10.03 7.65 8.26
N ILE A 178 -9.92 8.35 7.14
CA ILE A 178 -9.16 7.92 5.99
C ILE A 178 -8.03 8.92 5.81
N TYR A 179 -6.80 8.41 5.75
CA TYR A 179 -5.58 9.20 5.67
C TYR A 179 -4.94 8.92 4.33
N ILE A 180 -4.70 9.98 3.55
CA ILE A 180 -4.17 9.84 2.19
C ILE A 180 -2.90 10.67 2.09
N THR A 181 -1.79 10.03 1.72
CA THR A 181 -0.59 10.80 1.47
C THR A 181 -0.70 11.52 0.13
N ASP A 182 -0.38 12.81 0.14
CA ASP A 182 -0.49 13.67 -1.02
C ASP A 182 0.92 13.97 -1.50
N PHE A 183 1.32 13.28 -2.58
CA PHE A 183 2.65 13.40 -3.14
C PHE A 183 2.88 14.77 -3.78
N LYS A 184 1.80 15.44 -4.19
CA LYS A 184 1.91 16.75 -4.82
C LYS A 184 2.00 17.87 -3.79
N HIS A 185 1.25 17.79 -2.70
CA HIS A 185 1.17 18.87 -1.73
C HIS A 185 1.98 18.63 -0.47
N HIS A 186 2.68 17.49 -0.38
CA HIS A 186 3.66 17.24 0.69
C HIS A 186 3.00 17.18 2.06
N CYS A 187 1.95 16.38 2.17
CA CYS A 187 1.16 16.34 3.39
C CYS A 187 0.26 15.12 3.35
N VAL A 188 -0.52 14.96 4.42
CA VAL A 188 -1.54 13.93 4.55
C VAL A 188 -2.89 14.62 4.59
N GLN A 189 -3.84 14.16 3.77
CA GLN A 189 -5.23 14.63 3.82
C GLN A 189 -6.06 13.64 4.62
N VAL A 190 -6.87 14.14 5.54
CA VAL A 190 -7.65 13.30 6.45
C VAL A 190 -9.14 13.58 6.27
N TYR A 191 -9.92 12.50 6.09
CA TYR A 191 -11.36 12.57 5.83
C TYR A 191 -12.13 11.59 6.71
N THR A 192 -13.39 11.91 6.99
CA THR A 192 -14.29 10.89 7.51
C THR A 192 -14.80 10.00 6.36
N SER A 193 -15.36 8.86 6.73
N SER A 193 -15.36 8.85 6.75
CA SER A 193 -15.91 7.97 5.71
CA SER A 193 -15.96 7.95 5.76
C SER A 193 -17.13 8.59 5.00
C SER A 193 -17.08 8.63 4.99
N GLU A 194 -17.76 9.58 5.61
CA GLU A 194 -18.80 10.34 4.94
C GLU A 194 -18.25 11.39 3.98
N GLY A 195 -16.93 11.48 3.85
CA GLY A 195 -16.31 12.38 2.90
C GLY A 195 -16.03 13.77 3.39
N LYS A 196 -16.17 14.03 4.69
CA LYS A 196 -15.88 15.35 5.21
C LYS A 196 -14.39 15.50 5.41
N PHE A 197 -13.82 16.55 4.84
CA PHE A 197 -12.41 16.85 5.07
C PHE A 197 -12.23 17.38 6.49
N ILE A 198 -11.31 16.78 7.23
CA ILE A 198 -11.08 17.11 8.63
C ILE A 198 -9.85 18.00 8.80
N ARG A 199 -8.72 17.58 8.26
CA ARG A 199 -7.47 18.29 8.52
C ARG A 199 -6.41 17.77 7.56
N LYS A 200 -5.35 18.53 7.45
CA LYS A 200 -4.11 18.08 6.82
CA LYS A 200 -4.13 18.02 6.84
C LYS A 200 -3.04 17.93 7.90
N MET A 201 -2.16 16.95 7.73
CA MET A 201 -1.00 16.76 8.59
C MET A 201 0.26 16.90 7.75
N GLY A 202 1.31 17.44 8.35
CA GLY A 202 2.56 17.56 7.66
C GLY A 202 2.58 18.78 6.76
N GLU A 203 3.68 18.92 6.04
CA GLU A 203 3.96 20.09 5.20
C GLU A 203 5.29 19.86 4.50
N PRO A 204 5.63 20.68 3.49
CA PRO A 204 6.87 20.44 2.75
C PRO A 204 8.11 20.28 3.62
N SER A 205 8.24 21.05 4.70
CA SER A 205 9.44 20.96 5.53
C SER A 205 9.49 19.69 6.37
N GLN A 206 8.39 18.95 6.49
CA GLN A 206 8.34 17.77 7.35
C GLN A 206 8.10 16.49 6.59
N THR A 207 7.21 16.52 5.60
CA THR A 207 6.78 15.34 4.84
C THR A 207 6.86 15.63 3.34
N PRO A 208 8.06 15.87 2.82
CA PRO A 208 8.20 16.10 1.37
C PRO A 208 8.01 14.81 0.60
N TYR A 209 7.28 14.90 -0.52
CA TYR A 209 7.08 13.79 -1.44
C TYR A 209 6.70 12.47 -0.74
N PRO A 210 5.65 12.47 0.09
CA PRO A 210 5.34 11.25 0.86
C PRO A 210 4.85 10.13 -0.04
N ILE A 211 5.32 8.92 0.27
CA ILE A 211 5.02 7.73 -0.53
C ILE A 211 4.37 6.61 0.26
N GLY A 212 4.16 6.78 1.56
CA GLY A 212 3.57 5.71 2.34
C GLY A 212 3.02 6.23 3.64
N ILE A 213 1.98 5.56 4.13
CA ILE A 213 1.36 5.95 5.39
C ILE A 213 0.78 4.71 6.08
N ASP A 214 0.86 4.70 7.40
CA ASP A 214 0.10 3.74 8.19
C ASP A 214 -0.23 4.38 9.52
N VAL A 215 -1.18 3.77 10.23
CA VAL A 215 -1.61 4.25 11.53
C VAL A 215 -1.37 3.16 12.56
N SER A 216 -0.71 3.54 13.65
CA SER A 216 -0.39 2.58 14.70
C SER A 216 -1.64 2.21 15.49
N LYS A 217 -1.49 1.16 16.32
CA LYS A 217 -2.58 0.71 17.17
C LYS A 217 -3.04 1.79 18.14
N ALA A 218 -2.20 2.78 18.43
CA ALA A 218 -2.57 3.89 19.30
C ALA A 218 -2.99 5.12 18.51
N GLY A 219 -3.15 5.02 17.20
CA GLY A 219 -3.61 6.14 16.40
C GLY A 219 -2.53 7.09 15.92
N GLU A 220 -1.25 6.80 16.16
CA GLU A 220 -0.21 7.66 15.64
C GLU A 220 -0.05 7.44 14.15
N VAL A 221 0.24 8.51 13.42
CA VAL A 221 0.27 8.48 11.96
C VAL A 221 1.73 8.49 11.53
N LEU A 222 2.13 7.48 10.75
CA LEU A 222 3.51 7.36 10.27
C LEU A 222 3.50 7.64 8.77
N VAL A 223 4.39 8.52 8.33
CA VAL A 223 4.44 8.98 6.95
C VAL A 223 5.86 8.82 6.44
N ALA A 224 6.02 8.09 5.32
CA ALA A 224 7.35 7.79 4.79
C ALA A 224 7.64 8.57 3.52
N ASP A 225 8.91 8.96 3.36
CA ASP A 225 9.40 9.53 2.11
C ASP A 225 10.85 9.12 1.93
N THR A 226 11.39 9.34 0.72
CA THR A 226 12.82 9.21 0.49
C THR A 226 13.42 10.48 -0.12
N HIS A 227 12.91 11.64 0.27
CA HIS A 227 13.45 12.89 -0.22
C HIS A 227 14.90 13.04 0.23
N GLY A 228 15.81 13.19 -0.71
CA GLY A 228 17.23 13.16 -0.38
C GLY A 228 17.85 11.79 -0.34
N ASN A 229 17.11 10.77 -0.76
CA ASN A 229 17.64 9.42 -0.99
C ASN A 229 17.99 8.69 0.30
N HIS A 230 17.31 9.04 1.39
CA HIS A 230 17.30 8.21 2.57
C HIS A 230 15.86 8.07 3.01
N LEU A 231 15.49 6.88 3.48
CA LEU A 231 14.15 6.68 4.01
C LEU A 231 13.95 7.50 5.28
N HIS A 232 12.84 8.24 5.33
CA HIS A 232 12.43 8.95 6.53
C HIS A 232 11.04 8.46 6.91
N VAL A 233 10.81 8.28 8.20
CA VAL A 233 9.49 7.96 8.73
C VAL A 233 9.17 9.03 9.76
N VAL A 234 8.12 9.80 9.49
CA VAL A 234 7.73 10.94 10.29
C VAL A 234 6.46 10.57 11.06
N VAL A 235 6.46 10.83 12.36
CA VAL A 235 5.41 10.37 13.26
C VAL A 235 4.62 11.58 13.74
N PHE A 236 3.29 11.51 13.61
CA PHE A 236 2.35 12.53 14.06
C PHE A 236 1.40 11.94 15.09
N SER A 237 0.97 12.78 16.02
CA SER A 237 -0.06 12.41 16.96
C SER A 237 -1.41 12.29 16.23
N PRO A 238 -2.42 11.69 16.87
CA PRO A 238 -3.73 11.59 16.20
C PRO A 238 -4.33 12.93 15.80
N GLU A 239 -3.93 14.02 16.46
CA GLU A 239 -4.42 15.35 16.14
C GLU A 239 -3.54 16.09 15.15
N GLY A 240 -2.46 15.46 14.67
CA GLY A 240 -1.60 16.05 13.66
C GLY A 240 -0.39 16.79 14.17
N GLN A 241 -0.05 16.64 15.44
CA GLN A 241 1.14 17.30 15.98
C GLN A 241 2.36 16.46 15.60
N HIS A 242 3.36 17.10 14.99
CA HIS A 242 4.60 16.40 14.70
C HIS A 242 5.27 15.95 15.99
N ILE A 243 5.66 14.68 16.04
CA ILE A 243 6.30 14.10 17.21
C ILE A 243 7.80 13.95 16.95
N HIS A 244 8.16 13.23 15.90
CA HIS A 244 9.55 12.89 15.67
C HIS A 244 9.71 12.43 14.23
N SER A 245 10.88 12.70 13.67
CA SER A 245 11.27 12.25 12.34
C SER A 245 12.46 11.29 12.46
N PHE A 246 12.30 10.08 11.94
CA PHE A 246 13.34 9.05 11.97
C PHE A 246 13.96 8.96 10.59
N THR A 247 15.27 8.78 10.55
CA THR A 247 16.01 8.66 9.30
C THR A 247 16.76 7.33 9.26
N HIS A 248 16.81 6.73 8.08
CA HIS A 248 17.62 5.56 7.82
C HIS A 248 18.94 6.01 7.21
N ASN A 249 20.03 5.85 7.95
CA ASN A 249 21.34 6.31 7.50
C ASN A 249 22.28 5.20 7.06
N GLU A 250 21.89 3.93 7.19
CA GLU A 250 22.80 2.84 6.85
C GLU A 250 23.17 2.84 5.37
N PHE A 251 22.22 3.16 4.50
CA PHE A 251 22.47 3.20 3.06
C PHE A 251 21.35 4.01 2.43
N ARG A 252 21.55 4.39 1.18
CA ARG A 252 20.59 5.20 0.45
C ARG A 252 19.45 4.35 -0.11
N LEU A 253 18.27 4.95 -0.18
CA LEU A 253 17.09 4.34 -0.79
C LEU A 253 16.31 5.42 -1.53
N SER A 254 15.68 5.03 -2.63
CA SER A 254 14.83 5.94 -3.39
C SER A 254 13.69 5.15 -3.99
N ARG A 255 12.65 5.86 -4.41
CA ARG A 255 11.50 5.26 -5.08
C ARG A 255 10.90 4.12 -4.27
N CYS A 256 10.66 4.39 -2.99
CA CYS A 256 9.92 3.46 -2.16
C CYS A 256 8.42 3.65 -2.34
N VAL A 257 7.68 2.61 -2.01
CA VAL A 257 6.23 2.56 -2.19
C VAL A 257 5.62 1.96 -0.94
N GLY A 258 4.68 2.68 -0.33
CA GLY A 258 3.91 2.14 0.76
C GLY A 258 4.63 2.18 2.09
N LEU A 259 3.86 1.85 3.13
CA LEU A 259 4.39 1.77 4.49
C LEU A 259 3.39 0.98 5.30
N ARG A 260 3.89 0.02 6.07
CA ARG A 260 3.04 -0.72 6.98
C ARG A 260 3.77 -0.93 8.29
N ILE A 261 3.02 -0.83 9.38
N ILE A 261 3.04 -0.89 9.40
CA ILE A 261 3.48 -1.22 10.71
CA ILE A 261 3.61 -1.19 10.70
C ILE A 261 2.98 -2.64 10.96
C ILE A 261 3.03 -2.52 11.18
N ALA A 262 3.90 -3.53 11.29
CA ALA A 262 3.47 -4.86 11.68
C ALA A 262 2.98 -4.86 13.12
N LYS A 263 2.25 -5.92 13.46
CA LYS A 263 1.76 -6.07 14.84
C LYS A 263 2.90 -5.94 15.85
N SER A 264 4.07 -6.47 15.50
CA SER A 264 5.25 -6.41 16.36
C SER A 264 5.90 -5.04 16.40
N GLY A 265 5.46 -4.11 15.57
CA GLY A 265 6.05 -2.80 15.49
C GLY A 265 7.09 -2.62 14.41
N HIS A 266 7.52 -3.70 13.76
CA HIS A 266 8.46 -3.54 12.65
C HIS A 266 7.83 -2.73 11.52
N ILE A 267 8.67 -2.01 10.79
CA ILE A 267 8.24 -1.06 9.76
C ILE A 267 8.63 -1.62 8.40
N VAL A 268 7.66 -1.65 7.48
CA VAL A 268 7.86 -2.28 6.17
C VAL A 268 7.65 -1.26 5.06
N THR A 269 8.55 -1.24 4.08
CA THR A 269 8.33 -0.52 2.83
C THR A 269 8.96 -1.33 1.70
N LEU A 270 8.60 -0.97 0.47
CA LEU A 270 9.07 -1.65 -0.73
C LEU A 270 9.88 -0.67 -1.54
N CYS A 271 11.13 -1.03 -1.84
CA CYS A 271 11.98 -0.19 -2.68
C CYS A 271 11.87 -0.66 -4.11
N LYS A 272 11.17 0.11 -4.94
CA LYS A 272 11.06 -0.24 -6.34
C LYS A 272 12.40 -0.09 -7.06
N HIS A 273 13.22 0.88 -6.64
CA HIS A 273 14.46 1.20 -7.33
C HIS A 273 15.44 0.03 -7.34
N ASN A 274 15.56 -0.68 -6.21
CA ASN A 274 16.47 -1.81 -6.11
C ASN A 274 15.74 -3.14 -5.93
N HIS A 275 14.43 -3.18 -6.21
CA HIS A 275 13.70 -4.43 -6.37
C HIS A 275 13.72 -5.26 -5.07
N THR A 276 13.57 -4.58 -3.94
CA THR A 276 13.72 -5.23 -2.65
C THR A 276 12.72 -4.68 -1.64
N LEU A 277 12.11 -5.59 -0.88
CA LEU A 277 11.29 -5.22 0.27
C LEU A 277 12.18 -5.11 1.50
N PHE A 278 12.02 -4.05 2.28
CA PHE A 278 12.82 -3.82 3.48
C PHE A 278 11.92 -3.80 4.71
N VAL A 279 12.34 -4.53 5.75
CA VAL A 279 11.70 -4.50 7.06
C VAL A 279 12.70 -3.88 8.03
N PHE A 280 12.24 -2.93 8.84
CA PHE A 280 13.08 -2.22 9.79
C PHE A 280 12.64 -2.52 11.21
N LYS A 281 13.56 -2.37 12.17
CA LYS A 281 13.22 -2.60 13.57
C LYS A 281 12.17 -1.60 14.07
N PRO A 282 11.43 -1.96 15.14
CA PRO A 282 10.40 -1.04 15.64
C PRO A 282 11.00 0.29 16.08
N LEU A 283 10.20 1.35 15.93
CA LEU A 283 10.66 2.69 16.26
C LEU A 283 10.39 3.04 17.73
#